data_7JZS
#
_entry.id   7JZS
#
_cell.length_a   58.720
_cell.length_b   58.720
_cell.length_c   120.050
_cell.angle_alpha   90.00
_cell.angle_beta   90.00
_cell.angle_gamma   90.00
#
_symmetry.space_group_name_H-M   'P 43 21 2'
#
loop_
_entity.id
_entity.type
_entity.pdbx_description
1 polymer "Aminoglycoside 2'-N-acetyltransferase"
2 non-polymer 'COENZYME A'
3 non-polymer 'SULFATE ION'
4 non-polymer DI(HYDROXYETHYL)ETHER
5 water water
#
_entity_poly.entity_id   1
_entity_poly.type   'polypeptide(L)'
_entity_poly.pdbx_seq_one_letter_code
;GIEYRSLHTSQLTLSEKEALYDLLIEGFEGDFSHDDFAHTLGGMHVMAFDQQKLVGHVAIIQRHMALDNTPISVGYVEAM
VVEQSYRRQGIGRQLMLQTNKIIASCYQLGLLSASDDGQKLYHSVGWQIWKGKLFELKQGSYIRSIEEEGGVMGWKADGE
VDFTASLYCDFRGGDQWLEHHH
;
_entity_poly.pdbx_strand_id   A
#
loop_
_chem_comp.id
_chem_comp.type
_chem_comp.name
_chem_comp.formula
COA non-polymer 'COENZYME A' 'C21 H36 N7 O16 P3 S'
PEG non-polymer DI(HYDROXYETHYL)ETHER 'C4 H10 O3'
SO4 non-polymer 'SULFATE ION' 'O4 S -2'
#
# COMPACT_ATOMS: atom_id res chain seq x y z
N GLY A 1 -18.82 19.82 -0.91
CA GLY A 1 -18.65 18.41 -1.27
C GLY A 1 -17.60 17.74 -0.41
N ILE A 2 -16.93 16.78 -0.97
CA ILE A 2 -15.85 16.16 -0.31
C ILE A 2 -14.66 16.93 -0.65
N GLU A 3 -13.84 17.18 0.39
CA GLU A 3 -12.64 17.84 0.25
C GLU A 3 -11.51 16.86 0.57
N TYR A 4 -10.44 17.00 -0.16
CA TYR A 4 -9.29 16.11 -0.14
C TYR A 4 -8.10 16.86 0.39
N ARG A 5 -7.37 16.33 1.36
CA ARG A 5 -6.16 16.92 1.78
C ARG A 5 -5.11 15.81 1.87
N SER A 6 -3.89 16.12 1.48
CA SER A 6 -2.76 15.21 1.53
C SER A 6 -1.82 15.75 2.65
N LEU A 7 -1.65 14.90 3.69
CA LEU A 7 -0.86 15.27 4.86
C LEU A 7 0.12 14.20 5.22
N HIS A 8 1.35 14.58 5.54
CA HIS A 8 2.30 13.61 6.07
C HIS A 8 1.89 13.24 7.49
N THR A 9 2.30 12.05 7.94
CA THR A 9 2.02 11.75 9.34
C THR A 9 2.41 12.85 10.29
N SER A 10 3.56 13.46 10.10
CA SER A 10 4.06 14.49 11.01
C SER A 10 3.22 15.73 11.01
N GLN A 11 2.36 15.91 10.01
CA GLN A 11 1.49 17.10 9.86
C GLN A 11 0.13 16.91 10.47
N LEU A 12 -0.21 15.67 10.89
CA LEU A 12 -1.53 15.39 11.47
C LEU A 12 -1.59 15.97 12.87
N THR A 13 -2.79 16.47 13.25
CA THR A 13 -3.02 16.72 14.61
C THR A 13 -3.35 15.43 15.42
N LEU A 14 -3.31 15.52 16.76
CA LEU A 14 -3.73 14.39 17.54
C LEU A 14 -5.17 13.99 17.19
N SER A 15 -6.04 14.97 16.99
N SER A 15 -6.10 14.92 17.11
CA SER A 15 -7.44 14.72 16.69
CA SER A 15 -7.47 14.54 16.79
C SER A 15 -7.55 13.93 15.41
C SER A 15 -7.58 13.91 15.41
N GLU A 16 -6.81 14.40 14.41
CA GLU A 16 -6.84 13.75 13.11
C GLU A 16 -6.28 12.32 13.19
N LYS A 17 -5.21 12.11 13.96
N LYS A 17 -5.24 12.12 13.97
CA LYS A 17 -4.70 10.75 14.11
CA LYS A 17 -4.69 10.77 14.08
C LYS A 17 -5.75 9.85 14.75
C LYS A 17 -5.68 9.85 14.80
N GLU A 18 -6.39 10.36 15.81
CA GLU A 18 -7.45 9.52 16.47
C GLU A 18 -8.58 9.21 15.53
N ALA A 19 -9.00 10.20 14.67
CA ALA A 19 -10.04 9.94 13.75
C ALA A 19 -9.61 8.95 12.69
N LEU A 20 -8.32 9.00 12.30
CA LEU A 20 -7.80 8.06 11.32
C LEU A 20 -7.86 6.63 11.91
N TYR A 21 -7.40 6.49 13.16
CA TYR A 21 -7.47 5.15 13.80
C TYR A 21 -8.91 4.66 13.79
N ASP A 22 -9.88 5.49 14.18
CA ASP A 22 -11.29 5.11 14.21
C ASP A 22 -11.74 4.65 12.80
N LEU A 23 -11.36 5.45 11.76
CA LEU A 23 -11.81 5.08 10.42
C LEU A 23 -11.26 3.75 10.01
N LEU A 24 -9.98 3.49 10.31
CA LEU A 24 -9.33 2.28 9.94
C LEU A 24 -9.94 1.07 10.67
N ILE A 25 -10.15 1.20 11.96
N ILE A 25 -10.14 1.20 11.96
CA ILE A 25 -10.77 0.06 12.67
CA ILE A 25 -10.80 0.08 12.69
C ILE A 25 -12.12 -0.28 12.13
C ILE A 25 -12.13 -0.27 12.13
N GLU A 26 -12.95 0.74 11.91
N GLU A 26 -12.96 0.75 11.91
CA GLU A 26 -14.28 0.50 11.50
CA GLU A 26 -14.29 0.50 11.51
C GLU A 26 -14.28 0.03 10.09
C GLU A 26 -14.30 0.05 10.08
N GLY A 27 -13.50 0.68 9.24
CA GLY A 27 -13.54 0.31 7.83
C GLY A 27 -12.98 -1.02 7.47
N PHE A 28 -12.01 -1.53 8.30
CA PHE A 28 -11.47 -2.83 8.22
C PHE A 28 -12.16 -3.86 9.17
N GLU A 29 -13.33 -3.47 9.60
CA GLU A 29 -14.21 -4.39 10.33
C GLU A 29 -13.49 -5.05 11.51
N GLY A 30 -12.76 -4.25 12.22
CA GLY A 30 -12.09 -4.69 13.44
C GLY A 30 -10.92 -5.57 13.32
N ASP A 31 -10.43 -5.74 12.09
CA ASP A 31 -9.24 -6.49 11.83
C ASP A 31 -8.08 -5.53 11.56
N PHE A 32 -7.59 -4.96 12.64
CA PHE A 32 -6.67 -3.79 12.47
C PHE A 32 -5.96 -3.54 13.80
N SER A 33 -4.75 -4.02 13.89
CA SER A 33 -3.98 -4.01 15.15
C SER A 33 -3.14 -2.75 15.31
N HIS A 34 -2.44 -2.61 16.45
CA HIS A 34 -1.48 -1.56 16.68
C HIS A 34 -0.32 -1.65 15.66
N ASP A 35 0.17 -2.82 15.33
CA ASP A 35 1.17 -2.91 14.33
C ASP A 35 0.64 -2.51 12.98
N ASP A 36 -0.59 -2.88 12.66
CA ASP A 36 -1.13 -2.44 11.40
C ASP A 36 -1.15 -0.88 11.39
N PHE A 37 -1.55 -0.27 12.50
CA PHE A 37 -1.56 1.23 12.51
C PHE A 37 -0.23 1.81 12.35
N ALA A 38 0.76 1.30 13.09
CA ALA A 38 2.16 1.76 12.94
C ALA A 38 2.66 1.65 11.52
N HIS A 39 2.23 0.58 10.83
N HIS A 39 2.33 0.58 10.80
CA HIS A 39 2.59 0.20 9.46
CA HIS A 39 2.82 0.45 9.44
C HIS A 39 2.06 1.22 8.47
C HIS A 39 2.23 1.48 8.52
N THR A 40 1.01 2.00 8.88
N THR A 40 1.07 2.01 8.95
CA THR A 40 0.42 3.03 8.02
CA THR A 40 0.37 2.96 8.16
C THR A 40 1.05 4.38 8.20
C THR A 40 0.99 4.34 8.25
N LEU A 41 1.89 4.54 9.24
CA LEU A 41 2.45 5.81 9.59
C LEU A 41 3.85 5.99 9.08
N GLY A 42 4.19 7.25 8.82
CA GLY A 42 5.55 7.61 8.40
C GLY A 42 5.65 8.18 7.02
N GLY A 43 4.59 8.06 6.22
CA GLY A 43 4.49 8.62 4.92
C GLY A 43 3.33 9.57 4.76
N MET A 44 2.77 9.60 3.53
CA MET A 44 1.71 10.49 3.19
C MET A 44 0.35 9.82 3.40
N HIS A 45 -0.58 10.64 3.85
CA HIS A 45 -1.99 10.25 3.97
C HIS A 45 -2.83 11.09 3.05
N VAL A 46 -3.54 10.49 2.12
CA VAL A 46 -4.50 11.22 1.32
C VAL A 46 -5.83 11.00 2.00
N MET A 47 -6.47 12.09 2.37
N MET A 47 -6.45 12.08 2.44
CA MET A 47 -7.66 12.04 3.16
CA MET A 47 -7.63 12.03 3.28
C MET A 47 -8.81 12.80 2.61
C MET A 47 -8.79 12.77 2.60
N ALA A 48 -9.98 12.22 2.80
CA ALA A 48 -11.19 12.83 2.34
C ALA A 48 -12.01 13.22 3.48
N PHE A 49 -12.59 14.40 3.41
CA PHE A 49 -13.33 14.98 4.44
C PHE A 49 -14.71 15.47 3.99
N ASP A 50 -15.68 15.24 4.78
CA ASP A 50 -17.03 15.81 4.59
C ASP A 50 -17.15 16.87 5.70
N GLN A 51 -16.93 18.12 5.32
CA GLN A 51 -16.86 19.23 6.23
C GLN A 51 -15.75 18.93 7.27
N GLN A 52 -16.06 18.85 8.50
CA GLN A 52 -14.82 18.64 9.24
C GLN A 52 -14.33 17.18 9.34
N LYS A 53 -15.15 16.30 8.86
CA LYS A 53 -15.22 14.91 9.28
C LYS A 53 -14.44 13.98 8.34
N LEU A 54 -13.53 13.21 8.82
CA LEU A 54 -12.70 12.28 8.04
C LEU A 54 -13.61 11.13 7.52
N VAL A 55 -13.68 10.87 6.20
CA VAL A 55 -14.47 9.84 5.61
C VAL A 55 -13.71 8.87 4.67
N GLY A 56 -12.45 9.23 4.38
CA GLY A 56 -11.69 8.36 3.50
C GLY A 56 -10.20 8.57 3.71
N HIS A 57 -9.44 7.55 3.43
CA HIS A 57 -8.01 7.56 3.62
C HIS A 57 -7.32 6.57 2.75
N VAL A 58 -6.08 6.94 2.32
CA VAL A 58 -5.12 5.92 1.84
C VAL A 58 -3.73 6.47 2.21
N ALA A 59 -2.80 5.56 2.49
CA ALA A 59 -1.43 5.92 2.84
C ALA A 59 -0.47 5.54 1.73
N ILE A 60 0.62 6.29 1.61
CA ILE A 60 1.70 6.00 0.69
C ILE A 60 3.00 6.05 1.51
N ILE A 61 3.63 4.88 1.59
CA ILE A 61 4.84 4.68 2.38
C ILE A 61 6.04 4.55 1.45
N GLN A 62 7.11 5.29 1.68
CA GLN A 62 8.30 5.11 0.85
C GLN A 62 8.97 3.82 1.18
N ARG A 63 9.34 3.06 0.15
CA ARG A 63 10.11 1.86 0.30
C ARG A 63 11.27 1.89 -0.71
N HIS A 64 12.33 1.16 -0.42
CA HIS A 64 13.52 1.15 -1.26
C HIS A 64 13.79 -0.30 -1.59
N MET A 65 13.69 -0.65 -2.88
CA MET A 65 13.74 -2.02 -3.34
C MET A 65 14.83 -2.14 -4.38
N ALA A 66 14.96 -3.33 -4.92
CA ALA A 66 15.88 -3.58 -6.05
C ALA A 66 15.05 -4.20 -7.18
N LEU A 67 15.24 -3.75 -8.37
CA LEU A 67 14.68 -4.32 -9.55
C LEU A 67 15.80 -4.96 -10.19
N ASP A 68 15.78 -6.31 -10.17
CA ASP A 68 16.92 -7.19 -10.48
C ASP A 68 18.09 -6.61 -9.59
N ASN A 69 19.13 -5.96 -10.15
N ASN A 69 19.14 -5.98 -10.20
CA ASN A 69 20.20 -5.46 -9.27
CA ASN A 69 20.34 -5.49 -9.45
C ASN A 69 20.30 -3.93 -9.18
C ASN A 69 20.31 -3.95 -9.19
N THR A 70 19.25 -3.25 -9.63
CA THR A 70 19.24 -1.82 -9.67
C THR A 70 18.29 -1.24 -8.56
N PRO A 71 18.70 -0.21 -7.85
CA PRO A 71 17.82 0.39 -6.85
C PRO A 71 16.58 0.95 -7.48
N ILE A 72 15.43 0.81 -6.82
CA ILE A 72 14.23 1.46 -7.31
C ILE A 72 13.48 2.05 -6.10
N SER A 73 13.05 3.30 -6.23
N SER A 73 13.08 3.31 -6.20
CA SER A 73 12.29 3.98 -5.19
CA SER A 73 12.31 4.02 -5.17
C SER A 73 10.80 3.65 -5.41
C SER A 73 10.80 3.82 -5.35
N VAL A 74 10.15 3.27 -4.32
CA VAL A 74 8.76 2.80 -4.41
C VAL A 74 7.87 3.61 -3.48
N GLY A 75 6.67 3.93 -3.98
CA GLY A 75 5.60 4.38 -3.14
C GLY A 75 4.65 3.24 -2.93
N TYR A 76 4.52 2.81 -1.64
N TYR A 76 4.62 2.65 -1.69
CA TYR A 76 3.75 1.65 -1.31
CA TYR A 76 3.76 1.52 -1.38
C TYR A 76 2.43 1.97 -0.70
C TYR A 76 2.47 2.04 -0.80
N VAL A 77 1.38 1.62 -1.42
CA VAL A 77 0.06 2.10 -1.11
C VAL A 77 -0.64 1.16 -0.19
N GLU A 78 -1.24 1.65 0.89
CA GLU A 78 -1.81 0.77 1.89
C GLU A 78 -2.98 1.50 2.62
N ALA A 79 -3.76 0.64 3.29
CA ALA A 79 -4.74 1.19 4.25
C ALA A 79 -5.79 2.08 3.61
N MET A 80 -6.19 1.72 2.39
CA MET A 80 -7.28 2.42 1.70
C MET A 80 -8.58 2.09 2.36
N VAL A 81 -9.35 3.09 2.76
N VAL A 81 -9.34 3.08 2.78
CA VAL A 81 -10.62 2.86 3.39
CA VAL A 81 -10.65 2.85 3.40
C VAL A 81 -11.54 4.08 3.12
C VAL A 81 -11.55 4.06 3.12
N VAL A 82 -12.81 3.78 2.88
CA VAL A 82 -13.86 4.80 2.81
C VAL A 82 -14.93 4.35 3.84
N GLU A 83 -15.39 5.30 4.64
N GLU A 83 -15.40 5.29 4.64
CA GLU A 83 -16.48 5.10 5.59
CA GLU A 83 -16.43 4.98 5.59
C GLU A 83 -17.64 4.43 4.87
C GLU A 83 -17.63 4.40 4.87
N GLN A 84 -18.19 3.35 5.46
CA GLN A 84 -19.18 2.53 4.74
C GLN A 84 -20.35 3.31 4.11
N SER A 85 -20.87 4.31 4.84
N SER A 85 -20.85 4.30 4.85
CA SER A 85 -22.04 5.12 4.33
CA SER A 85 -21.98 5.09 4.35
C SER A 85 -21.68 6.07 3.22
C SER A 85 -21.65 6.04 3.23
N TYR A 86 -20.36 6.22 2.95
CA TYR A 86 -19.90 7.12 1.89
C TYR A 86 -19.40 6.33 0.67
N ARG A 87 -19.56 5.00 0.62
CA ARG A 87 -19.04 4.18 -0.44
C ARG A 87 -19.85 4.30 -1.76
N ARG A 88 -19.23 3.88 -2.86
CA ARG A 88 -19.86 3.76 -4.16
C ARG A 88 -20.25 5.08 -4.73
N GLN A 89 -19.51 6.11 -4.40
CA GLN A 89 -19.67 7.49 -4.90
C GLN A 89 -18.41 8.06 -5.52
N GLY A 90 -17.36 7.23 -5.68
CA GLY A 90 -16.13 7.67 -6.34
C GLY A 90 -15.06 8.19 -5.42
N ILE A 91 -15.27 8.15 -4.10
CA ILE A 91 -14.22 8.62 -3.22
C ILE A 91 -13.00 7.76 -3.29
N GLY A 92 -13.13 6.42 -3.26
CA GLY A 92 -12.01 5.56 -3.40
C GLY A 92 -11.15 5.87 -4.64
N ARG A 93 -11.88 6.06 -5.76
CA ARG A 93 -11.18 6.43 -7.01
C ARG A 93 -10.41 7.76 -6.85
N GLN A 94 -11.07 8.80 -6.27
CA GLN A 94 -10.38 10.02 -6.09
C GLN A 94 -9.14 9.91 -5.21
N LEU A 95 -9.25 9.11 -4.16
CA LEU A 95 -8.10 8.85 -3.29
C LEU A 95 -6.96 8.26 -4.09
N MET A 96 -7.28 7.29 -4.96
CA MET A 96 -6.25 6.68 -5.77
C MET A 96 -5.70 7.64 -6.81
N LEU A 97 -6.49 8.50 -7.40
CA LEU A 97 -5.93 9.44 -8.39
C LEU A 97 -4.98 10.40 -7.71
N GLN A 98 -5.31 10.85 -6.49
N GLN A 98 -5.31 10.85 -6.49
CA GLN A 98 -4.36 11.70 -5.74
CA GLN A 98 -4.38 11.74 -5.79
C GLN A 98 -3.10 10.93 -5.41
C GLN A 98 -3.10 10.95 -5.39
N THR A 99 -3.25 9.67 -5.04
CA THR A 99 -2.15 8.82 -4.78
C THR A 99 -1.20 8.62 -6.04
N ASN A 100 -1.85 8.43 -7.18
CA ASN A 100 -1.04 8.31 -8.39
C ASN A 100 -0.20 9.57 -8.66
N LYS A 101 -0.86 10.73 -8.37
CA LYS A 101 -0.07 12.00 -8.56
C LYS A 101 1.07 12.09 -7.61
N ILE A 102 0.93 11.66 -6.37
CA ILE A 102 2.09 11.63 -5.46
C ILE A 102 3.18 10.70 -5.97
N ILE A 103 2.77 9.51 -6.43
CA ILE A 103 3.75 8.61 -6.93
C ILE A 103 4.49 9.23 -8.13
N ALA A 104 3.76 9.81 -9.03
CA ALA A 104 4.41 10.41 -10.21
C ALA A 104 5.40 11.52 -9.80
N SER A 105 5.12 12.31 -8.73
N SER A 105 5.12 12.28 -8.73
CA SER A 105 6.04 13.41 -8.33
CA SER A 105 6.02 13.38 -8.28
C SER A 105 7.23 12.93 -7.49
C SER A 105 7.23 12.91 -7.51
N CYS A 106 7.13 11.69 -6.95
CA CYS A 106 8.10 11.31 -5.95
C CYS A 106 8.86 10.05 -6.17
N TYR A 107 8.30 9.04 -6.81
CA TYR A 107 8.85 7.71 -6.79
C TYR A 107 8.99 7.15 -8.19
N GLN A 108 9.73 6.10 -8.37
CA GLN A 108 9.83 5.42 -9.67
C GLN A 108 8.70 4.46 -9.93
N LEU A 109 8.13 3.88 -8.87
CA LEU A 109 7.16 2.84 -9.02
C LEU A 109 6.19 2.89 -7.87
N GLY A 110 4.90 2.74 -8.13
CA GLY A 110 3.93 2.46 -7.09
C GLY A 110 3.70 0.99 -6.98
N LEU A 111 3.53 0.48 -5.71
CA LEU A 111 3.18 -0.92 -5.48
C LEU A 111 2.11 -1.01 -4.39
N LEU A 112 1.32 -2.06 -4.50
CA LEU A 112 0.31 -2.30 -3.46
C LEU A 112 -0.05 -3.76 -3.51
N SER A 113 -0.76 -4.20 -2.47
N SER A 113 -0.71 -4.26 -2.47
CA SER A 113 -1.23 -5.57 -2.34
CA SER A 113 -1.23 -5.62 -2.49
C SER A 113 -2.74 -5.54 -2.39
C SER A 113 -2.72 -5.54 -2.43
N ALA A 114 -3.32 -6.31 -3.29
CA ALA A 114 -4.79 -6.40 -3.34
C ALA A 114 -5.38 -7.79 -3.42
N SER A 115 -6.58 -8.05 -2.88
CA SER A 115 -7.28 -9.31 -3.17
C SER A 115 -7.83 -9.27 -4.60
N ASP A 116 -8.18 -10.40 -5.19
CA ASP A 116 -8.82 -10.53 -6.49
C ASP A 116 -9.95 -9.57 -6.73
N ASP A 117 -10.94 -9.52 -5.85
CA ASP A 117 -12.01 -8.52 -6.01
C ASP A 117 -11.55 -7.09 -5.88
N GLY A 118 -10.51 -6.92 -5.04
CA GLY A 118 -10.06 -5.63 -4.63
C GLY A 118 -9.42 -4.95 -5.89
N GLN A 119 -8.92 -5.86 -6.80
CA GLN A 119 -8.05 -5.31 -7.84
C GLN A 119 -8.75 -4.35 -8.86
N LYS A 120 -10.08 -4.49 -9.01
CA LYS A 120 -10.79 -3.74 -10.06
C LYS A 120 -10.62 -2.22 -9.88
N LEU A 121 -10.81 -1.73 -8.65
CA LEU A 121 -10.63 -0.29 -8.38
C LEU A 121 -9.28 0.18 -8.86
N TYR A 122 -8.22 -0.52 -8.48
CA TYR A 122 -6.90 -0.12 -8.86
C TYR A 122 -6.65 -0.22 -10.39
N HIS A 123 -7.20 -1.27 -11.01
CA HIS A 123 -7.03 -1.47 -12.39
C HIS A 123 -7.74 -0.30 -13.20
N SER A 124 -8.84 0.24 -12.65
CA SER A 124 -9.59 1.35 -13.26
C SER A 124 -8.83 2.66 -13.23
N VAL A 125 -7.74 2.74 -12.49
CA VAL A 125 -6.87 3.89 -12.42
C VAL A 125 -5.43 3.48 -12.80
N GLY A 126 -5.29 2.48 -13.66
CA GLY A 126 -4.03 2.23 -14.37
C GLY A 126 -3.12 1.19 -13.78
N TRP A 127 -3.44 0.66 -12.58
CA TRP A 127 -2.55 -0.31 -11.93
C TRP A 127 -2.62 -1.64 -12.68
N GLN A 128 -1.53 -2.38 -12.61
CA GLN A 128 -1.45 -3.71 -13.28
C GLN A 128 -0.79 -4.68 -12.37
N ILE A 129 -1.20 -5.93 -12.45
N ILE A 129 -1.18 -5.95 -12.44
CA ILE A 129 -0.53 -7.02 -11.76
CA ILE A 129 -0.56 -7.00 -11.62
C ILE A 129 0.98 -7.07 -12.06
C ILE A 129 0.93 -7.10 -12.01
N TRP A 130 1.82 -7.13 -11.00
CA TRP A 130 3.27 -7.34 -11.21
C TRP A 130 3.40 -8.78 -11.67
N LYS A 131 4.04 -8.99 -12.80
CA LYS A 131 4.16 -10.38 -13.39
C LYS A 131 5.41 -11.07 -13.00
N GLY A 132 6.45 -10.31 -12.64
CA GLY A 132 7.74 -10.91 -12.30
C GLY A 132 7.74 -11.57 -10.92
N LYS A 133 8.89 -12.16 -10.62
N LYS A 133 8.89 -12.13 -10.60
CA LYS A 133 9.08 -12.77 -9.33
CA LYS A 133 9.08 -12.77 -9.33
C LYS A 133 9.18 -11.70 -8.24
C LYS A 133 9.19 -11.71 -8.23
N LEU A 134 8.82 -12.10 -7.03
CA LEU A 134 8.98 -11.25 -5.84
C LEU A 134 9.85 -11.95 -4.85
N PHE A 135 10.72 -11.24 -4.16
CA PHE A 135 11.62 -11.78 -3.17
C PHE A 135 11.58 -11.00 -1.86
N GLU A 136 11.59 -11.69 -0.72
N GLU A 136 11.66 -11.68 -0.74
CA GLU A 136 11.58 -11.04 0.56
CA GLU A 136 11.64 -11.05 0.51
C GLU A 136 12.73 -11.59 1.37
C GLU A 136 12.72 -11.61 1.39
N LEU A 137 13.14 -10.83 2.36
CA LEU A 137 14.16 -11.30 3.29
C LEU A 137 13.56 -12.22 4.35
N LYS A 138 14.15 -13.40 4.53
CA LYS A 138 13.78 -14.27 5.63
C LYS A 138 15.03 -14.75 6.34
N GLN A 139 15.10 -14.50 7.67
N GLN A 139 15.14 -14.40 7.62
CA GLN A 139 16.35 -14.64 8.49
CA GLN A 139 16.31 -14.78 8.43
C GLN A 139 17.58 -14.22 7.71
C GLN A 139 17.59 -14.23 7.77
N GLY A 140 17.49 -13.03 7.19
CA GLY A 140 18.64 -12.35 6.57
C GLY A 140 19.03 -12.69 5.15
N SER A 141 18.24 -13.55 4.48
N SER A 141 18.20 -13.51 4.48
CA SER A 141 18.55 -13.95 3.12
CA SER A 141 18.51 -13.95 3.15
C SER A 141 17.29 -13.84 2.25
C SER A 141 17.28 -13.81 2.24
N TYR A 142 17.46 -13.52 0.98
CA TYR A 142 16.32 -13.40 0.07
C TYR A 142 15.76 -14.79 -0.28
N ILE A 143 14.45 -14.92 -0.22
N ILE A 143 14.44 -14.92 -0.20
N ILE A 143 14.44 -14.90 -0.26
CA ILE A 143 13.76 -16.11 -0.72
CA ILE A 143 13.71 -16.11 -0.67
CA ILE A 143 13.72 -16.10 -0.66
C ILE A 143 12.55 -15.64 -1.51
C ILE A 143 12.51 -15.63 -1.49
C ILE A 143 12.53 -15.63 -1.50
N ARG A 144 12.17 -16.41 -2.51
CA ARG A 144 11.04 -15.99 -3.38
C ARG A 144 9.71 -16.00 -2.56
N SER A 145 8.93 -14.94 -2.73
N SER A 145 8.93 -14.93 -2.71
CA SER A 145 7.69 -14.79 -2.07
CA SER A 145 7.67 -14.78 -2.07
C SER A 145 6.59 -15.34 -2.99
C SER A 145 6.60 -15.30 -2.95
N ILE A 146 6.51 -16.64 -3.11
N ILE A 146 6.55 -16.60 -3.06
CA ILE A 146 5.44 -17.17 -3.95
CA ILE A 146 5.59 -17.18 -3.97
C ILE A 146 4.08 -16.68 -3.41
C ILE A 146 4.17 -16.89 -3.62
N GLU A 147 3.85 -16.80 -2.12
N GLU A 147 3.89 -16.73 -2.33
CA GLU A 147 2.54 -16.37 -1.62
CA GLU A 147 2.50 -16.55 -1.91
C GLU A 147 1.96 -15.14 -2.29
C GLU A 147 1.94 -15.07 -2.01
N GLU A 148 2.78 -14.11 -2.38
CA GLU A 148 2.37 -12.79 -2.71
C GLU A 148 2.25 -12.58 -4.21
N GLU A 149 2.95 -13.38 -5.04
CA GLU A 149 2.90 -13.16 -6.46
C GLU A 149 1.43 -13.30 -6.90
N GLY A 150 1.02 -12.37 -7.81
CA GLY A 150 -0.33 -12.27 -8.28
C GLY A 150 -1.18 -11.33 -7.43
N GLY A 151 -0.77 -11.03 -6.19
CA GLY A 151 -1.51 -10.15 -5.29
C GLY A 151 -0.95 -8.77 -5.32
N VAL A 152 0.21 -8.55 -5.86
CA VAL A 152 0.89 -7.25 -5.92
C VAL A 152 0.60 -6.59 -7.25
N MET A 153 0.24 -5.33 -7.20
CA MET A 153 0.01 -4.51 -8.41
C MET A 153 0.99 -3.37 -8.34
N GLY A 154 1.30 -2.88 -9.57
CA GLY A 154 2.16 -1.76 -9.72
C GLY A 154 1.64 -0.68 -10.61
N TRP A 155 2.26 0.49 -10.52
CA TRP A 155 1.91 1.69 -11.34
C TRP A 155 3.22 2.46 -11.59
N LYS A 156 3.42 2.71 -12.87
CA LYS A 156 4.68 3.03 -13.48
C LYS A 156 4.62 4.52 -13.53
N ALA A 157 5.62 5.03 -12.76
CA ALA A 157 5.99 6.46 -12.98
C ALA A 157 7.21 6.59 -13.89
N ASP A 158 8.25 5.82 -13.58
N ASP A 158 8.25 5.82 -13.59
CA ASP A 158 9.46 5.75 -14.40
CA ASP A 158 9.51 5.72 -14.32
C ASP A 158 9.18 4.84 -15.59
C ASP A 158 9.24 4.83 -15.58
N GLY A 159 9.03 5.41 -16.78
CA GLY A 159 8.65 4.62 -17.95
C GLY A 159 9.47 3.39 -18.28
N GLU A 160 10.73 3.32 -17.77
CA GLU A 160 11.55 2.11 -17.91
C GLU A 160 11.44 1.32 -16.65
N VAL A 161 10.24 0.83 -16.35
CA VAL A 161 10.07 -0.29 -15.39
C VAL A 161 9.44 -1.52 -16.07
N ASP A 162 10.20 -2.62 -16.06
CA ASP A 162 9.78 -3.90 -16.62
C ASP A 162 9.00 -4.68 -15.55
N PHE A 163 7.70 -4.81 -15.76
CA PHE A 163 6.81 -5.50 -14.82
C PHE A 163 6.99 -7.06 -14.82
N THR A 164 7.93 -7.55 -15.70
CA THR A 164 8.25 -8.94 -15.63
C THR A 164 9.54 -9.21 -14.87
N ALA A 165 10.24 -8.15 -14.44
CA ALA A 165 11.49 -8.25 -13.73
C ALA A 165 11.26 -8.66 -12.29
N SER A 166 12.31 -9.13 -11.63
CA SER A 166 12.27 -9.57 -10.28
C SER A 166 12.42 -8.37 -9.35
N LEU A 167 11.52 -8.30 -8.32
CA LEU A 167 11.60 -7.27 -7.28
C LEU A 167 12.08 -7.88 -5.99
N TYR A 168 13.04 -7.21 -5.39
CA TYR A 168 13.64 -7.60 -4.13
C TYR A 168 13.21 -6.57 -3.11
N CYS A 169 12.31 -6.93 -2.20
N CYS A 169 12.32 -6.90 -2.20
CA CYS A 169 11.69 -6.00 -1.24
CA CYS A 169 11.72 -5.92 -1.32
C CYS A 169 12.54 -5.69 -0.05
C CYS A 169 12.54 -5.67 -0.08
N ASP A 170 12.38 -4.51 0.50
N ASP A 170 12.35 -4.54 0.53
CA ASP A 170 12.83 -4.17 1.84
CA ASP A 170 12.90 -4.27 1.83
C ASP A 170 12.03 -4.89 2.93
C ASP A 170 12.15 -5.07 2.88
N PHE A 171 12.68 -5.05 4.10
CA PHE A 171 12.09 -5.83 5.18
C PHE A 171 11.01 -5.03 5.92
N ARG A 172 9.85 -5.60 6.07
N ARG A 172 9.87 -5.64 6.14
CA ARG A 172 8.84 -4.89 6.85
CA ARG A 172 8.86 -5.04 7.06
C ARG A 172 8.19 -5.82 7.86
C ARG A 172 8.28 -5.95 8.11
N GLY A 173 8.66 -7.08 7.92
N GLY A 173 8.43 -7.26 7.91
CA GLY A 173 8.11 -7.94 9.05
CA GLY A 173 7.81 -8.14 8.94
C GLY A 173 6.60 -7.80 9.29
C GLY A 173 6.31 -8.41 8.69
N GLY A 174 6.01 -8.84 9.87
N GLY A 174 5.84 -9.49 9.30
CA GLY A 174 4.57 -8.98 9.70
CA GLY A 174 4.59 -10.07 8.85
C GLY A 174 4.50 -10.37 9.11
C GLY A 174 4.78 -10.39 7.36
N ASP A 175 4.34 -11.34 10.00
N ASP A 175 3.69 -10.23 6.58
CA ASP A 175 4.42 -12.79 9.65
CA ASP A 175 3.74 -10.47 5.14
C ASP A 175 4.16 -13.19 8.14
C ASP A 175 4.44 -9.21 4.52
N GLN A 176 5.26 -13.64 7.47
N GLN A 176 5.47 -9.45 3.77
CA GLN A 176 5.35 -14.03 6.09
CA GLN A 176 6.28 -8.38 3.29
C GLN A 176 5.38 -15.52 5.95
C GLN A 176 5.70 -7.71 2.09
N TRP A 177 4.41 -16.05 5.23
N TRP A 177 4.67 -8.32 1.54
CA TRP A 177 4.45 -17.45 4.98
CA TRP A 177 4.06 -7.79 0.31
C TRP A 177 3.69 -17.80 3.73
C TRP A 177 2.53 -7.58 0.39
N LEU A 178 4.06 -18.95 3.20
N LEU A 178 1.82 -8.43 1.08
CA LEU A 178 3.41 -19.51 2.03
CA LEU A 178 0.38 -8.44 1.08
C LEU A 178 2.28 -20.45 2.49
C LEU A 178 -0.17 -7.81 2.30
N GLU A 179 1.05 -20.14 2.02
N GLU A 179 -1.37 -7.25 2.13
CA GLU A 179 -0.12 -21.01 2.25
CA GLU A 179 -2.19 -6.68 3.20
C GLU A 179 -0.15 -22.20 1.32
C GLU A 179 -1.56 -6.53 4.64
N HIS A 180 -0.61 -23.34 1.86
CA HIS A 180 -0.70 -24.58 1.16
C HIS A 180 -2.13 -25.05 1.36
N HIS A 181 -2.91 -25.07 0.27
CA HIS A 181 -4.24 -25.46 0.47
C HIS A 181 -4.67 -26.51 -0.49
N HIS A 182 -5.21 -27.60 0.14
CA HIS A 182 -5.61 -28.82 -0.56
C HIS A 182 -7.03 -28.68 -1.13
N1A COA B . -22.78 5.50 -8.89
C2A COA B . -22.76 4.12 -8.95
N3A COA B . -21.62 3.37 -8.71
C4A COA B . -20.44 4.00 -8.40
C5A COA B . -20.41 5.54 -8.35
C6A COA B . -21.69 6.31 -8.61
N6A COA B . -21.80 7.72 -8.57
N7A COA B . -19.11 5.75 -8.00
C8A COA B . -18.33 4.56 -7.82
N9A COA B . -19.19 3.54 -8.09
C1B COA B . -18.87 2.13 -8.11
C2B COA B . -17.48 1.98 -8.81
O2B COA B . -18.01 1.63 -10.03
C3B COA B . -16.70 0.85 -8.18
O3B COA B . -17.13 -0.24 -8.90
P3B COA B . -17.36 -1.76 -8.39
O7A COA B . -17.37 -2.42 -9.78
O8A COA B . -18.80 -1.94 -7.81
O9A COA B . -16.30 -2.30 -7.42
C4B COA B . -17.27 0.95 -6.75
O4B COA B . -18.47 1.82 -6.71
C5B COA B . -16.25 1.53 -5.78
O5B COA B . -15.52 2.66 -6.34
P1A COA B . -15.44 3.96 -5.46
O1A COA B . -16.78 4.49 -5.22
O2A COA B . -14.44 4.82 -6.13
O3A COA B . -14.82 3.35 -4.14
P2A COA B . -15.37 3.50 -2.63
O4A COA B . -15.37 4.93 -2.25
O5A COA B . -16.64 2.72 -2.49
O6A COA B . -14.19 2.80 -1.79
CBP COA B . -13.05 0.84 -0.90
CCP COA B . -13.71 1.45 -2.13
CDP COA B . -12.40 -0.46 -1.36
CEP COA B . -12.02 1.82 -0.36
CAP COA B . -14.16 0.53 0.17
OAP COA B . -15.04 -0.47 -0.28
C9P COA B . -13.56 0.15 1.52
O9P COA B . -13.21 1.00 2.31
N8P COA B . -13.48 -1.15 1.78
C7P COA B . -12.95 -1.69 3.05
C6P COA B . -11.42 -1.55 3.18
C5P COA B . -10.60 -2.28 2.12
O5P COA B . -10.88 -3.39 1.80
N4P COA B . -9.65 -1.58 1.60
C3P COA B . -8.61 -2.03 0.60
C2P COA B . -7.27 -2.56 1.23
S1P COA B . -6.13 -2.97 0.01
S SO4 C . -3.44 -6.87 -15.54
O1 SO4 C . -4.89 -7.35 -14.99
O2 SO4 C . -3.05 -6.35 -14.47
O3 SO4 C . -2.82 -8.24 -15.91
O4 SO4 C . -3.66 -5.79 -16.58
S SO4 D . 10.48 -19.90 -14.12
O1 SO4 D . 9.67 -19.81 -12.92
O2 SO4 D . 11.65 -20.89 -13.98
O3 SO4 D . 11.13 -18.61 -14.38
O4 SO4 D . 9.74 -20.35 -15.33
C1 PEG E . 21.36 -11.83 -7.19
O1 PEG E . 20.88 -12.60 -6.13
C2 PEG E . 20.28 -10.82 -7.38
O2 PEG E . 20.07 -10.02 -6.30
C3 PEG E . 19.25 -8.97 -6.43
C4 PEG E . 19.09 -7.99 -5.29
O4 PEG E . 20.11 -7.16 -5.22
#